data_3DCJ
#
_entry.id   3DCJ
#
_cell.length_a   62.153
_cell.length_b   61.660
_cell.length_c   61.525
_cell.angle_alpha   90.00
_cell.angle_beta   103.31
_cell.angle_gamma   90.00
#
_symmetry.space_group_name_H-M   'P 1 21 1'
#
loop_
_entity.id
_entity.type
_entity.pdbx_description
1 polymer "Probable 5'-phosphoribosylglycinamide formyltransferase purN"
2 non-polymer 'N-[4-({[(6S)-2-AMINO-4-HYDROXY-5-METHYL-5,6,7,8-TETRAHYDROPTERIDIN-6-YL]METHYL}AMINO)BENZOYL]-L-GLUTAMIC ACID'
3 non-polymer 'MAGNESIUM ION'
4 non-polymer 'CHLORIDE ION'
5 non-polymer 'NITRATE ION'
6 water water
#
_entity_poly.entity_id   1
_entity_poly.type   'polypeptide(L)'
_entity_poly.pdbx_seq_one_letter_code
;VQEPLRVPPSAPARLVVLASGTGSLLRSLLDAAVGDYPARVVAVGVDRECRAAEIAAEASVPVFTVRLADHPSRDAWDVA
ITAATAAHEPDLVVSAGFMRILGPQFLSRFYGRTLNTHPALLPAFPGTHGVADALAYGVKVTGATVHLVDAGTDTGPILA
QQPVPVLDGDDEETLHERIKVTERRLLVAAVAALATHGVTVVGRTATMGRKVTIG
;
_entity_poly.pdbx_strand_id   A,B
#
# COMPACT_ATOMS: atom_id res chain seq x y z
N GLU A 3 -15.06 -29.65 -0.48
CA GLU A 3 -14.29 -30.17 0.67
C GLU A 3 -12.81 -29.80 0.61
N PRO A 4 -11.90 -30.72 1.02
CA PRO A 4 -10.45 -30.39 1.08
C PRO A 4 -9.84 -29.90 -0.25
N LEU A 5 -8.71 -29.21 -0.15
CA LEU A 5 -7.95 -28.84 -1.34
C LEU A 5 -6.67 -29.66 -1.27
N ARG A 6 -6.38 -30.43 -2.32
CA ARG A 6 -5.14 -31.19 -2.37
C ARG A 6 -4.21 -30.57 -3.39
N VAL A 7 -3.02 -30.18 -2.96
CA VAL A 7 -1.95 -29.80 -3.86
C VAL A 7 -0.91 -30.95 -3.89
N PRO A 8 -0.71 -31.61 -5.07
CA PRO A 8 0.11 -32.85 -5.18
C PRO A 8 1.59 -32.57 -4.93
N PRO A 9 2.42 -33.61 -4.70
CA PRO A 9 3.87 -33.27 -4.68
C PRO A 9 4.29 -32.67 -6.01
N SER A 10 5.39 -31.92 -6.03
CA SER A 10 5.85 -31.35 -7.28
C SER A 10 7.36 -31.47 -7.49
N ALA A 11 8.07 -32.09 -6.54
CA ALA A 11 9.53 -32.21 -6.65
C ALA A 11 9.92 -32.88 -7.99
N PRO A 12 10.94 -32.37 -8.69
CA PRO A 12 11.69 -31.14 -8.49
C PRO A 12 10.81 -29.95 -8.93
N ALA A 13 10.54 -29.03 -8.00
CA ALA A 13 9.58 -27.96 -8.19
C ALA A 13 10.16 -26.79 -8.95
N ARG A 14 9.33 -26.17 -9.79
CA ARG A 14 9.62 -24.90 -10.45
C ARG A 14 9.09 -23.79 -9.55
N LEU A 15 9.98 -22.98 -9.05
CA LEU A 15 9.61 -21.94 -8.08
C LEU A 15 9.68 -20.53 -8.65
N VAL A 16 8.62 -19.74 -8.51
CA VAL A 16 8.64 -18.31 -8.89
C VAL A 16 8.66 -17.46 -7.60
N VAL A 17 9.58 -16.49 -7.50
CA VAL A 17 9.56 -15.58 -6.37
C VAL A 17 9.00 -14.23 -6.88
N LEU A 18 8.07 -13.65 -6.11
CA LEU A 18 7.55 -12.32 -6.40
C LEU A 18 8.13 -11.35 -5.38
N ALA A 19 8.62 -10.20 -5.81
CA ALA A 19 9.31 -9.32 -4.88
C ALA A 19 9.23 -7.91 -5.34
N SER A 20 9.47 -6.97 -4.43
CA SER A 20 9.50 -5.54 -4.70
C SER A 20 10.65 -4.80 -3.91
N GLY A 21 11.35 -5.52 -3.01
CA GLY A 21 12.24 -4.88 -2.01
C GLY A 21 13.68 -5.33 -2.04
N THR A 22 14.18 -5.81 -0.89
CA THR A 22 15.59 -6.13 -0.72
C THR A 22 16.06 -7.46 -1.28
N GLY A 23 15.16 -8.39 -1.51
CA GLY A 23 15.67 -9.66 -2.01
C GLY A 23 16.38 -10.53 -0.97
N SER A 24 16.27 -10.26 0.34
CA SER A 24 17.05 -11.14 1.23
C SER A 24 16.43 -12.51 1.41
N LEU A 25 15.10 -12.61 1.54
CA LEU A 25 14.51 -13.92 1.43
C LEU A 25 14.85 -14.64 0.08
N LEU A 26 14.67 -13.93 -1.05
CA LEU A 26 15.16 -14.40 -2.35
C LEU A 26 16.60 -14.98 -2.27
N ARG A 27 17.52 -14.25 -1.65
CA ARG A 27 18.90 -14.72 -1.52
C ARG A 27 18.91 -15.99 -0.71
N SER A 28 18.15 -16.02 0.38
CA SER A 28 18.08 -17.24 1.20
C SER A 28 17.61 -18.42 0.36
N LEU A 29 16.60 -18.24 -0.50
CA LEU A 29 16.14 -19.34 -1.35
C LEU A 29 17.15 -19.74 -2.46
N LEU A 30 17.86 -18.77 -3.07
CA LEU A 30 18.88 -19.14 -4.05
C LEU A 30 20.05 -19.91 -3.42
N ASP A 31 20.44 -19.59 -2.18
CA ASP A 31 21.53 -20.32 -1.55
C ASP A 31 21.10 -21.76 -1.25
N ALA A 32 19.83 -21.96 -0.95
CA ALA A 32 19.41 -23.29 -0.55
C ALA A 32 19.08 -24.18 -1.71
N ALA A 33 18.60 -23.62 -2.82
CA ALA A 33 18.17 -24.48 -3.91
C ALA A 33 19.37 -24.94 -4.79
N VAL A 34 20.20 -25.81 -4.23
CA VAL A 34 21.32 -26.38 -4.94
C VAL A 34 21.22 -27.88 -4.66
N GLY A 35 21.95 -28.71 -5.42
CA GLY A 35 22.03 -30.15 -5.14
C GLY A 35 20.67 -30.80 -5.09
N ASP A 36 20.44 -31.62 -4.05
CA ASP A 36 19.20 -32.45 -3.96
C ASP A 36 17.98 -31.69 -3.43
N TYR A 37 18.17 -30.41 -3.12
CA TYR A 37 17.06 -29.54 -2.71
C TYR A 37 15.98 -29.65 -3.79
N PRO A 38 14.74 -29.91 -3.40
CA PRO A 38 13.81 -30.34 -4.41
C PRO A 38 13.07 -29.21 -5.16
N ALA A 39 13.78 -28.12 -5.47
CA ALA A 39 13.21 -26.99 -6.24
C ALA A 39 14.32 -26.15 -6.81
N ARG A 40 13.98 -25.34 -7.83
CA ARG A 40 14.89 -24.37 -8.39
C ARG A 40 14.07 -23.14 -8.68
N VAL A 41 14.70 -21.97 -8.56
CA VAL A 41 14.04 -20.72 -8.85
C VAL A 41 14.11 -20.50 -10.34
N VAL A 42 12.96 -20.54 -11.01
CA VAL A 42 12.90 -20.40 -12.47
C VAL A 42 12.68 -18.96 -12.95
N ALA A 43 12.09 -18.12 -12.10
CA ALA A 43 11.91 -16.71 -12.43
C ALA A 43 11.58 -15.92 -11.17
N VAL A 44 11.83 -14.61 -11.23
CA VAL A 44 11.49 -13.60 -10.26
C VAL A 44 10.61 -12.56 -10.93
N GLY A 45 9.45 -12.28 -10.33
CA GLY A 45 8.55 -11.23 -10.81
C GLY A 45 8.59 -10.05 -9.88
N VAL A 46 8.74 -8.85 -10.46
CA VAL A 46 8.74 -7.63 -9.66
C VAL A 46 7.76 -6.66 -10.27
N ASP A 47 7.37 -5.63 -9.51
CA ASP A 47 6.53 -4.57 -10.04
C ASP A 47 7.29 -3.26 -10.13
N ARG A 48 8.63 -3.28 -10.06
CA ARG A 48 9.44 -2.05 -9.96
C ARG A 48 10.89 -2.47 -9.89
N GLU A 49 11.79 -1.53 -10.21
CA GLU A 49 13.23 -1.73 -10.06
C GLU A 49 13.54 -1.90 -8.60
N CYS A 50 14.33 -2.90 -8.26
CA CYS A 50 14.60 -3.14 -6.86
C CYS A 50 15.78 -4.04 -6.73
N ARG A 51 16.30 -4.11 -5.52
CA ARG A 51 17.46 -4.91 -5.23
C ARG A 51 17.16 -6.39 -5.56
N ALA A 52 15.95 -6.87 -5.27
CA ALA A 52 15.61 -8.26 -5.58
C ALA A 52 15.82 -8.60 -7.09
N ALA A 53 15.50 -7.64 -7.98
CA ALA A 53 15.64 -7.82 -9.44
C ALA A 53 17.09 -7.95 -9.79
N GLU A 54 17.92 -7.17 -9.10
CA GLU A 54 19.36 -7.21 -9.30
C GLU A 54 19.95 -8.52 -8.87
N ILE A 55 19.59 -9.01 -7.68
CA ILE A 55 20.11 -10.26 -7.15
C ILE A 55 19.72 -11.40 -8.12
N ALA A 56 18.42 -11.44 -8.51
CA ALA A 56 17.93 -12.39 -9.50
C ALA A 56 18.79 -12.38 -10.76
N ALA A 57 19.03 -11.21 -11.34
CA ALA A 57 19.78 -11.16 -12.63
C ALA A 57 21.21 -11.67 -12.42
N GLU A 58 21.82 -11.30 -11.29
CA GLU A 58 23.18 -11.71 -11.01
C GLU A 58 23.26 -13.24 -10.84
N ALA A 59 22.17 -13.89 -10.39
CA ALA A 59 22.10 -15.35 -10.28
C ALA A 59 21.60 -16.01 -11.57
N SER A 60 21.52 -15.26 -12.67
CA SER A 60 21.07 -15.77 -14.01
C SER A 60 19.61 -16.24 -14.02
N VAL A 61 18.82 -15.73 -13.08
CA VAL A 61 17.38 -16.00 -13.06
C VAL A 61 16.56 -14.93 -13.86
N PRO A 62 15.77 -15.37 -14.86
CA PRO A 62 14.89 -14.45 -15.63
C PRO A 62 14.02 -13.57 -14.70
N VAL A 63 13.90 -12.29 -15.01
CA VAL A 63 13.08 -11.36 -14.20
C VAL A 63 12.00 -10.87 -15.13
N PHE A 64 10.74 -10.97 -14.73
CA PHE A 64 9.66 -10.36 -15.48
C PHE A 64 9.10 -9.18 -14.63
N THR A 65 8.73 -8.08 -15.31
CA THR A 65 8.26 -6.89 -14.63
C THR A 65 6.81 -6.61 -15.05
N VAL A 66 5.90 -6.50 -14.05
CA VAL A 66 4.54 -6.07 -14.34
C VAL A 66 4.19 -4.84 -13.49
N ARG A 67 4.21 -3.65 -14.08
CA ARG A 67 4.01 -2.40 -13.33
C ARG A 67 2.53 -1.99 -13.30
N LEU A 68 2.02 -1.65 -12.12
CA LEU A 68 0.63 -1.13 -11.99
C LEU A 68 0.40 0.07 -12.97
N ALA A 69 1.36 0.98 -13.10
CA ALA A 69 1.23 2.11 -14.01
C ALA A 69 1.04 1.74 -15.49
N ASP A 70 1.29 0.49 -15.88
CA ASP A 70 1.20 0.09 -17.32
C ASP A 70 -0.14 -0.62 -17.63
N HIS A 71 -1.00 -0.79 -16.63
CA HIS A 71 -2.31 -1.41 -16.84
C HIS A 71 -3.38 -0.47 -16.35
N PRO A 72 -4.60 -0.56 -16.92
CA PRO A 72 -5.54 0.57 -16.69
C PRO A 72 -6.19 0.63 -15.30
N SER A 73 -6.12 -0.48 -14.56
CA SER A 73 -6.61 -0.54 -13.19
C SER A 73 -5.97 -1.72 -12.43
N ARG A 74 -6.35 -1.85 -11.15
CA ARG A 74 -5.97 -2.97 -10.29
C ARG A 74 -6.45 -4.30 -10.82
N ASP A 75 -7.69 -4.39 -11.30
CA ASP A 75 -8.18 -5.65 -11.92
CA ASP A 75 -8.17 -5.63 -11.88
C ASP A 75 -7.40 -6.01 -13.16
N ALA A 76 -7.09 -5.04 -14.03
CA ALA A 76 -6.32 -5.44 -15.20
C ALA A 76 -4.82 -5.83 -14.85
N TRP A 77 -4.28 -5.25 -13.77
CA TRP A 77 -2.93 -5.56 -13.31
C TRP A 77 -2.95 -7.00 -12.72
N ASP A 78 -4.05 -7.32 -12.03
CA ASP A 78 -4.21 -8.65 -11.49
C ASP A 78 -4.16 -9.65 -12.66
N VAL A 79 -4.88 -9.33 -13.74
CA VAL A 79 -4.96 -10.23 -14.91
C VAL A 79 -3.56 -10.44 -15.54
N ALA A 80 -2.81 -9.34 -15.65
CA ALA A 80 -1.46 -9.35 -16.26
C ALA A 80 -0.40 -10.01 -15.38
N ILE A 81 -0.40 -9.77 -14.06
CA ILE A 81 0.61 -10.45 -13.19
C ILE A 81 0.37 -11.95 -13.21
N THR A 82 -0.90 -12.31 -13.21
CA THR A 82 -1.34 -13.70 -13.32
C THR A 82 -0.81 -14.36 -14.56
N ALA A 83 -0.96 -13.72 -15.72
CA ALA A 83 -0.46 -14.30 -16.99
C ALA A 83 1.07 -14.37 -17.01
N ALA A 84 1.72 -13.33 -16.52
CA ALA A 84 3.18 -13.28 -16.62
C ALA A 84 3.79 -14.37 -15.72
N THR A 85 3.15 -14.60 -14.58
CA THR A 85 3.55 -15.67 -13.66
C THR A 85 3.29 -17.08 -14.24
N ALA A 86 2.10 -17.30 -14.83
CA ALA A 86 1.68 -18.58 -15.40
C ALA A 86 2.58 -18.99 -16.56
N ALA A 87 3.09 -18.01 -17.31
CA ALA A 87 3.99 -18.27 -18.43
C ALA A 87 5.19 -19.08 -17.96
N HIS A 88 5.57 -18.92 -16.68
CA HIS A 88 6.64 -19.76 -16.11
C HIS A 88 6.16 -21.10 -15.53
N GLU A 89 4.86 -21.36 -15.58
CA GLU A 89 4.34 -22.63 -15.08
C GLU A 89 4.89 -23.04 -13.66
N PRO A 90 4.80 -22.14 -12.66
CA PRO A 90 5.38 -22.54 -11.37
C PRO A 90 4.60 -23.64 -10.68
N ASP A 91 5.27 -24.32 -9.79
CA ASP A 91 4.62 -25.24 -8.86
C ASP A 91 4.40 -24.52 -7.52
N LEU A 92 5.25 -23.54 -7.24
CA LEU A 92 5.16 -22.76 -6.01
C LEU A 92 5.52 -21.31 -6.31
N VAL A 93 4.84 -20.35 -5.68
CA VAL A 93 5.14 -18.94 -5.81
C VAL A 93 5.43 -18.45 -4.39
N VAL A 94 6.60 -17.87 -4.14
CA VAL A 94 6.86 -17.24 -2.83
C VAL A 94 6.70 -15.72 -3.00
N SER A 95 5.85 -15.12 -2.17
CA SER A 95 5.86 -13.66 -2.03
C SER A 95 6.90 -13.26 -0.99
N ALA A 96 8.00 -12.65 -1.49
CA ALA A 96 9.19 -12.34 -0.73
C ALA A 96 9.46 -10.83 -0.80
N GLY A 97 8.72 -10.08 0.00
CA GLY A 97 8.83 -8.64 0.00
C GLY A 97 7.97 -8.05 -1.11
N PHE A 98 6.97 -8.79 -1.57
CA PHE A 98 6.09 -8.23 -2.66
C PHE A 98 5.06 -7.25 -2.08
N MET A 99 4.85 -6.16 -2.77
CA MET A 99 4.05 -5.08 -2.22
C MET A 99 2.70 -4.79 -2.83
N ARG A 100 2.21 -5.66 -3.68
CA ARG A 100 0.89 -5.57 -4.21
C ARG A 100 0.10 -6.72 -3.66
N ILE A 101 -1.18 -6.46 -3.39
CA ILE A 101 -2.12 -7.50 -3.02
C ILE A 101 -2.39 -8.32 -4.22
N LEU A 102 -2.24 -9.64 -4.08
CA LEU A 102 -2.57 -10.56 -5.14
C LEU A 102 -4.06 -10.73 -5.15
N GLY A 103 -4.63 -10.43 -6.33
CA GLY A 103 -6.05 -10.32 -6.60
C GLY A 103 -6.75 -11.65 -6.84
N PRO A 104 -8.08 -11.58 -7.07
CA PRO A 104 -8.91 -12.75 -7.35
C PRO A 104 -8.41 -13.61 -8.51
N GLN A 105 -7.94 -13.03 -9.61
CA GLN A 105 -7.48 -13.82 -10.77
C GLN A 105 -6.20 -14.61 -10.46
N PHE A 106 -5.27 -13.95 -9.80
CA PHE A 106 -4.07 -14.62 -9.41
C PHE A 106 -4.37 -15.84 -8.51
N LEU A 107 -5.23 -15.63 -7.51
CA LEU A 107 -5.51 -16.67 -6.49
C LEU A 107 -6.42 -17.76 -7.06
N SER A 108 -7.30 -17.37 -7.96
CA SER A 108 -8.07 -18.35 -8.75
C SER A 108 -7.10 -19.38 -9.36
N ARG A 109 -5.98 -18.92 -9.92
CA ARG A 109 -4.96 -19.83 -10.45
C ARG A 109 -3.99 -20.44 -9.42
N PHE A 110 -3.48 -19.64 -8.49
CA PHE A 110 -2.38 -20.12 -7.64
C PHE A 110 -2.64 -20.33 -6.14
N TYR A 111 -3.91 -20.25 -5.71
CA TYR A 111 -4.22 -20.52 -4.30
C TYR A 111 -3.76 -21.95 -4.01
N GLY A 112 -3.14 -22.14 -2.85
CA GLY A 112 -2.61 -23.47 -2.46
C GLY A 112 -1.16 -23.61 -2.79
N ARG A 113 -0.67 -22.78 -3.70
CA ARG A 113 0.71 -22.89 -4.16
C ARG A 113 1.51 -21.64 -3.92
N THR A 114 0.89 -20.67 -3.26
CA THR A 114 1.51 -19.34 -3.02
C THR A 114 1.73 -19.13 -1.51
N LEU A 115 2.95 -18.74 -1.11
CA LEU A 115 3.25 -18.59 0.32
C LEU A 115 3.90 -17.33 0.69
N ASN A 116 3.76 -16.95 1.96
CA ASN A 116 4.34 -15.73 2.48
C ASN A 116 4.92 -16.05 3.86
N THR A 117 5.85 -15.22 4.37
CA THR A 117 6.40 -15.41 5.73
C THR A 117 6.04 -14.20 6.55
N HIS A 118 5.92 -14.35 7.85
CA HIS A 118 5.58 -13.19 8.69
C HIS A 118 6.34 -13.27 10.00
N PRO A 119 6.88 -12.14 10.52
CA PRO A 119 7.74 -12.25 11.74
C PRO A 119 6.97 -12.11 13.08
N ALA A 120 5.95 -12.97 13.25
CA ALA A 120 5.21 -13.11 14.50
C ALA A 120 4.51 -14.44 14.37
N LEU A 121 3.85 -14.88 15.44
CA LEU A 121 3.11 -16.17 15.41
C LEU A 121 1.65 -15.84 15.09
N LEU A 122 1.37 -15.64 13.81
CA LEU A 122 0.01 -15.40 13.40
C LEU A 122 -0.93 -16.39 14.13
N PRO A 123 -2.11 -15.94 14.57
CA PRO A 123 -2.74 -14.68 14.16
C PRO A 123 -2.42 -13.50 15.08
N ALA A 124 -1.48 -13.68 16.00
CA ALA A 124 -0.98 -12.56 16.79
C ALA A 124 -0.09 -11.67 15.90
N PHE A 125 -0.08 -10.40 16.23
CA PHE A 125 0.71 -9.37 15.61
C PHE A 125 0.75 -9.34 14.05
N PRO A 126 -0.41 -9.33 13.39
CA PRO A 126 -0.32 -9.14 11.91
C PRO A 126 0.01 -7.64 11.56
N GLY A 127 0.15 -7.32 10.28
CA GLY A 127 0.47 -5.91 9.92
C GLY A 127 1.95 -5.68 9.70
N THR A 128 2.39 -4.43 9.57
CA THR A 128 3.75 -4.19 9.10
C THR A 128 4.68 -4.02 10.31
N HIS A 129 4.07 -3.84 11.47
CA HIS A 129 4.78 -3.61 12.71
C HIS A 129 4.69 -4.79 13.64
N GLY A 130 4.67 -6.01 13.11
CA GLY A 130 4.63 -7.21 13.96
C GLY A 130 5.70 -7.33 15.07
N VAL A 131 6.94 -6.97 14.75
CA VAL A 131 8.00 -7.09 15.72
C VAL A 131 7.84 -5.99 16.76
N ALA A 132 7.65 -4.75 16.32
CA ALA A 132 7.54 -3.64 17.29
C ALA A 132 6.33 -3.82 18.16
N ASP A 133 5.21 -4.26 17.59
CA ASP A 133 4.03 -4.50 18.37
C ASP A 133 4.20 -5.59 19.46
N ALA A 134 4.86 -6.69 19.08
CA ALA A 134 5.12 -7.81 20.01
C ALA A 134 5.98 -7.29 21.12
N LEU A 135 6.97 -6.48 20.78
CA LEU A 135 7.80 -5.83 21.80
C LEU A 135 7.00 -4.87 22.75
N ALA A 136 6.10 -4.06 22.20
CA ALA A 136 5.30 -3.11 23.00
C ALA A 136 4.32 -3.87 23.89
N TYR A 137 3.83 -5.00 23.38
CA TYR A 137 2.84 -5.79 24.09
C TYR A 137 3.45 -6.51 25.29
N GLY A 138 4.75 -6.79 25.24
CA GLY A 138 5.41 -7.42 26.37
C GLY A 138 5.33 -8.94 26.39
N VAL A 139 5.03 -9.58 25.26
CA VAL A 139 5.10 -11.03 25.20
C VAL A 139 6.52 -11.47 25.50
N LYS A 140 6.67 -12.71 25.97
CA LYS A 140 8.01 -13.29 26.14
C LYS A 140 8.34 -14.21 24.99
N VAL A 141 7.33 -14.60 24.21
CA VAL A 141 7.51 -15.55 23.11
C VAL A 141 6.83 -14.92 21.90
N THR A 142 7.61 -14.74 20.82
CA THR A 142 7.04 -14.44 19.53
C THR A 142 7.57 -15.56 18.60
N GLY A 143 7.70 -15.32 17.29
CA GLY A 143 8.06 -16.42 16.39
C GLY A 143 7.97 -15.99 14.96
N ALA A 144 8.08 -16.96 14.05
CA ALA A 144 7.94 -16.65 12.63
C ALA A 144 6.91 -17.63 12.11
N THR A 145 6.09 -17.18 11.14
CA THR A 145 5.09 -18.00 10.44
C THR A 145 5.29 -18.09 8.92
N VAL A 146 5.21 -19.30 8.35
CA VAL A 146 4.99 -19.42 6.91
C VAL A 146 3.55 -19.87 6.68
N HIS A 147 2.86 -19.20 5.77
CA HIS A 147 1.46 -19.51 5.51
C HIS A 147 1.17 -19.31 4.02
N LEU A 148 0.20 -20.08 3.52
CA LEU A 148 -0.45 -19.87 2.26
C LEU A 148 -1.06 -18.47 2.18
N VAL A 149 -0.88 -17.80 1.05
CA VAL A 149 -1.59 -16.56 0.73
C VAL A 149 -3.06 -16.82 0.30
N ASP A 150 -3.99 -16.13 0.97
CA ASP A 150 -5.41 -16.15 0.55
C ASP A 150 -5.82 -14.74 0.23
N ALA A 151 -7.12 -14.45 0.29
CA ALA A 151 -7.62 -13.18 -0.21
C ALA A 151 -7.28 -12.01 0.71
N GLY A 152 -7.20 -12.28 2.02
CA GLY A 152 -6.78 -11.30 3.02
C GLY A 152 -5.25 -11.21 3.17
N THR A 153 -4.75 -10.28 3.96
CA THR A 153 -3.29 -10.23 4.16
C THR A 153 -3.00 -10.83 5.53
N ASP A 154 -1.98 -11.68 5.62
CA ASP A 154 -1.64 -12.36 6.88
C ASP A 154 -2.71 -13.35 7.35
N THR A 155 -3.63 -13.75 6.47
CA THR A 155 -4.79 -14.51 6.90
C THR A 155 -4.79 -15.99 6.49
N GLY A 156 -3.93 -16.37 5.54
CA GLY A 156 -4.02 -17.69 4.90
C GLY A 156 -3.70 -18.85 5.81
N PRO A 157 -4.14 -20.08 5.44
CA PRO A 157 -3.82 -21.31 6.20
C PRO A 157 -2.34 -21.42 6.54
N ILE A 158 -2.04 -21.69 7.79
CA ILE A 158 -0.67 -21.77 8.26
C ILE A 158 0.00 -23.11 7.92
N LEU A 159 1.23 -23.00 7.42
CA LEU A 159 2.04 -24.12 7.00
C LEU A 159 3.07 -24.54 8.04
N ALA A 160 3.75 -23.56 8.65
CA ALA A 160 4.82 -23.89 9.60
C ALA A 160 5.02 -22.68 10.46
N GLN A 161 5.36 -22.93 11.72
CA GLN A 161 5.64 -21.89 12.67
C GLN A 161 6.79 -22.34 13.58
N GLN A 162 7.55 -21.38 14.05
CA GLN A 162 8.54 -21.70 15.07
C GLN A 162 8.66 -20.50 16.06
N PRO A 163 8.74 -20.78 17.38
CA PRO A 163 8.79 -19.66 18.32
C PRO A 163 10.23 -19.11 18.38
N VAL A 164 10.36 -17.91 18.93
CA VAL A 164 11.59 -17.14 19.11
C VAL A 164 11.41 -16.33 20.45
N PRO A 165 12.37 -16.42 21.41
CA PRO A 165 12.20 -15.70 22.69
C PRO A 165 12.38 -14.19 22.57
N VAL A 166 11.69 -13.43 23.41
CA VAL A 166 11.97 -12.00 23.52
C VAL A 166 12.92 -11.86 24.72
N LEU A 167 14.08 -11.22 24.54
CA LEU A 167 15.03 -11.09 25.63
C LEU A 167 14.81 -9.78 26.37
N ASP A 168 15.22 -9.76 27.64
CA ASP A 168 15.13 -8.53 28.47
C ASP A 168 15.99 -7.51 27.79
N GLY A 169 15.45 -6.33 27.54
CA GLY A 169 16.28 -5.28 26.93
C GLY A 169 16.49 -5.38 25.40
N ASP A 170 15.95 -6.43 24.77
CA ASP A 170 15.77 -6.43 23.32
C ASP A 170 15.22 -5.09 22.84
N ASP A 171 15.76 -4.57 21.73
CA ASP A 171 15.03 -3.56 20.96
C ASP A 171 14.42 -4.19 19.71
N GLU A 172 13.67 -3.41 18.91
CA GLU A 172 13.06 -3.86 17.65
C GLU A 172 14.06 -4.55 16.75
N GLU A 173 15.22 -3.93 16.62
CA GLU A 173 16.21 -4.35 15.65
C GLU A 173 16.79 -5.69 16.04
N THR A 174 17.13 -5.83 17.32
CA THR A 174 17.77 -7.05 17.80
C THR A 174 16.76 -8.18 17.82
N LEU A 175 15.54 -7.88 18.26
CA LEU A 175 14.44 -8.84 18.11
C LEU A 175 14.19 -9.21 16.65
N HIS A 176 14.07 -8.23 15.75
CA HIS A 176 13.73 -8.53 14.35
C HIS A 176 14.75 -9.47 13.76
N GLU A 177 16.04 -9.12 13.90
CA GLU A 177 17.14 -9.96 13.37
C GLU A 177 17.09 -11.37 13.93
N ARG A 178 16.67 -11.54 15.20
CA ARG A 178 16.56 -12.89 15.77
C ARG A 178 15.40 -13.61 15.07
N ILE A 179 14.36 -12.88 14.80
CA ILE A 179 13.20 -13.50 14.17
C ILE A 179 13.57 -13.85 12.72
N LYS A 180 14.27 -12.94 12.02
CA LYS A 180 14.67 -13.19 10.63
C LYS A 180 15.53 -14.46 10.49
N VAL A 181 16.35 -14.82 11.49
CA VAL A 181 17.18 -16.05 11.38
C VAL A 181 16.30 -17.27 11.26
N THR A 182 15.26 -17.31 12.09
CA THR A 182 14.28 -18.40 12.05
C THR A 182 13.37 -18.32 10.82
N GLU A 183 12.98 -17.10 10.44
CA GLU A 183 12.09 -16.87 9.29
C GLU A 183 12.67 -17.46 7.98
N ARG A 184 13.92 -17.17 7.71
CA ARG A 184 14.69 -17.79 6.65
C ARG A 184 14.71 -19.36 6.62
N ARG A 185 14.99 -20.04 7.73
CA ARG A 185 15.05 -21.50 7.76
C ARG A 185 13.68 -22.11 7.55
N LEU A 186 12.68 -21.53 8.21
CA LEU A 186 11.28 -21.94 8.11
C LEU A 186 10.76 -21.89 6.66
N LEU A 187 11.01 -20.77 5.97
CA LEU A 187 10.67 -20.64 4.55
C LEU A 187 11.38 -21.69 3.70
N VAL A 188 12.66 -21.89 3.96
CA VAL A 188 13.45 -22.84 3.18
C VAL A 188 12.94 -24.27 3.38
N ALA A 189 12.63 -24.63 4.62
CA ALA A 189 12.08 -25.95 4.99
C ALA A 189 10.67 -26.13 4.46
N ALA A 190 9.87 -25.06 4.50
CA ALA A 190 8.47 -25.12 4.04
C ALA A 190 8.42 -25.36 2.52
N VAL A 191 9.27 -24.68 1.77
CA VAL A 191 9.31 -24.84 0.30
C VAL A 191 9.68 -26.28 -0.04
N ALA A 192 10.68 -26.83 0.65
CA ALA A 192 11.15 -28.17 0.39
C ALA A 192 10.04 -29.20 0.68
N ALA A 193 9.31 -28.98 1.78
CA ALA A 193 8.29 -29.88 2.25
C ALA A 193 7.09 -29.89 1.33
N LEU A 194 6.66 -28.71 0.88
CA LEU A 194 5.57 -28.58 -0.11
C LEU A 194 5.92 -29.21 -1.43
N ALA A 195 7.16 -29.04 -1.87
CA ALA A 195 7.62 -29.73 -3.11
C ALA A 195 7.56 -31.24 -2.93
N THR A 196 8.13 -31.71 -1.82
CA THR A 196 8.24 -33.14 -1.59
C THR A 196 6.88 -33.79 -1.29
N HIS A 197 6.02 -33.15 -0.51
CA HIS A 197 4.82 -33.84 -0.06
C HIS A 197 3.54 -33.19 -0.55
N GLY A 198 3.61 -31.97 -1.09
CA GLY A 198 2.35 -31.24 -1.41
C GLY A 198 1.64 -30.90 -0.10
N VAL A 199 0.36 -30.55 -0.14
CA VAL A 199 -0.36 -30.04 1.04
C VAL A 199 -1.84 -30.29 0.83
N THR A 200 -2.53 -30.54 1.94
CA THR A 200 -3.98 -30.69 1.99
C THR A 200 -4.54 -29.59 2.91
N VAL A 201 -5.66 -28.97 2.53
CA VAL A 201 -6.31 -27.96 3.37
C VAL A 201 -7.79 -28.29 3.67
N VAL A 202 -8.05 -28.50 4.96
CA VAL A 202 -9.39 -28.79 5.50
C VAL A 202 -9.76 -27.64 6.40
N GLY A 203 -10.82 -26.92 6.05
CA GLY A 203 -11.22 -25.73 6.81
C GLY A 203 -10.13 -24.70 6.61
N ARG A 204 -9.43 -24.35 7.69
CA ARG A 204 -8.25 -23.47 7.54
C ARG A 204 -6.94 -24.14 7.95
N THR A 205 -6.93 -25.47 8.02
CA THR A 205 -5.80 -26.23 8.56
C THR A 205 -5.00 -26.93 7.47
N ALA A 206 -3.71 -26.60 7.33
CA ALA A 206 -2.90 -27.15 6.24
C ALA A 206 -1.90 -28.17 6.74
N THR A 207 -2.05 -29.41 6.30
CA THR A 207 -1.13 -30.50 6.65
C THR A 207 -0.30 -30.88 5.40
N MET A 208 1.01 -31.08 5.56
CA MET A 208 1.83 -31.45 4.40
C MET A 208 1.37 -32.73 3.68
N PRO B 4 -15.16 -5.62 0.22
CA PRO B 4 -14.15 -5.08 1.18
C PRO B 4 -12.86 -4.56 0.50
N LEU B 5 -12.84 -3.30 0.01
CA LEU B 5 -11.59 -2.62 -0.41
C LEU B 5 -10.41 -2.89 0.54
N ARG B 6 -9.27 -3.32 -0.04
CA ARG B 6 -8.03 -3.49 0.71
C ARG B 6 -6.91 -2.85 -0.07
N VAL B 7 -6.24 -1.84 0.50
CA VAL B 7 -5.07 -1.22 -0.12
C VAL B 7 -3.85 -1.59 0.75
N PRO B 8 -2.78 -2.16 0.12
CA PRO B 8 -1.60 -2.56 0.91
C PRO B 8 -0.76 -1.36 1.41
N PRO B 9 0.07 -1.59 2.42
CA PRO B 9 1.10 -0.66 2.79
C PRO B 9 1.99 -0.35 1.61
N SER B 10 2.60 0.82 1.61
CA SER B 10 3.45 1.25 0.51
C SER B 10 4.73 1.94 1.00
N ALA B 11 4.90 2.09 2.32
CA ALA B 11 6.13 2.74 2.82
C ALA B 11 7.33 2.00 2.18
N PRO B 12 8.32 2.73 1.65
CA PRO B 12 8.37 4.21 1.52
C PRO B 12 7.57 4.67 0.27
N ALA B 13 6.59 5.53 0.44
CA ALA B 13 5.61 5.74 -0.61
C ALA B 13 5.99 6.87 -1.53
N ARG B 14 5.64 6.71 -2.81
CA ARG B 14 5.71 7.79 -3.78
C ARG B 14 4.40 8.57 -3.75
N LEU B 15 4.48 9.86 -3.40
CA LEU B 15 3.29 10.71 -3.32
C LEU B 15 3.24 11.66 -4.48
N VAL B 16 2.06 11.81 -5.09
CA VAL B 16 1.84 12.92 -6.02
C VAL B 16 0.76 13.69 -5.34
N VAL B 17 0.95 15.01 -5.29
CA VAL B 17 -0.03 15.89 -4.72
C VAL B 17 -0.59 16.69 -5.90
N LEU B 18 -1.92 16.78 -5.97
CA LEU B 18 -2.59 17.60 -6.97
C LEU B 18 -3.08 18.89 -6.28
N ALA B 19 -2.87 20.04 -6.89
CA ALA B 19 -3.22 21.32 -6.25
C ALA B 19 -3.66 22.39 -7.26
N SER B 20 -4.46 23.37 -6.81
CA SER B 20 -4.92 24.44 -7.72
C SER B 20 -4.72 25.86 -7.20
N GLY B 21 -4.39 25.97 -5.91
CA GLY B 21 -4.39 27.23 -5.17
C GLY B 21 -3.13 27.52 -4.37
N THR B 22 -3.29 27.81 -3.08
CA THR B 22 -2.23 28.35 -2.22
C THR B 22 -1.07 27.44 -1.95
N GLY B 23 -1.27 26.15 -1.91
CA GLY B 23 -0.10 25.26 -1.63
C GLY B 23 0.32 25.13 -0.17
N SER B 24 -0.53 25.53 0.74
CA SER B 24 -0.22 25.54 2.13
C SER B 24 -0.22 24.08 2.67
N LEU B 25 -1.25 23.31 2.30
CA LEU B 25 -1.26 21.89 2.64
C LEU B 25 -0.08 21.18 2.00
N LEU B 26 0.16 21.48 0.72
CA LEU B 26 1.28 20.93 0.00
C LEU B 26 2.55 21.22 0.76
N ARG B 27 2.75 22.48 1.18
CA ARG B 27 3.99 22.81 1.85
C ARG B 27 4.18 22.01 3.14
N SER B 28 3.09 21.72 3.86
CA SER B 28 3.20 20.92 5.11
C SER B 28 3.73 19.53 4.84
N LEU B 29 3.28 18.96 3.74
CA LEU B 29 3.77 17.67 3.21
C LEU B 29 5.20 17.70 2.75
N LEU B 30 5.58 18.70 1.98
CA LEU B 30 6.94 18.79 1.48
C LEU B 30 7.88 18.82 2.67
N ASP B 31 7.60 19.70 3.64
CA ASP B 31 8.45 19.90 4.84
C ASP B 31 8.52 18.61 5.71
N ALA B 32 7.42 17.89 5.81
CA ALA B 32 7.39 16.69 6.64
C ALA B 32 8.06 15.48 5.98
N ALA B 33 8.07 15.45 4.65
CA ALA B 33 8.27 14.19 4.00
C ALA B 33 9.78 13.99 3.72
N VAL B 34 10.51 13.79 4.80
CA VAL B 34 11.91 13.55 4.76
C VAL B 34 12.20 12.52 5.83
N GLY B 35 13.39 11.94 5.72
CA GLY B 35 13.91 11.09 6.81
C GLY B 35 13.06 9.84 6.99
N ASP B 36 12.62 9.65 8.23
CA ASP B 36 11.87 8.49 8.61
C ASP B 36 10.43 8.58 8.15
N TYR B 37 9.94 9.77 7.79
CA TYR B 37 8.58 9.89 7.26
C TYR B 37 8.45 8.83 6.16
N PRO B 38 7.32 8.07 6.18
CA PRO B 38 7.30 6.89 5.29
C PRO B 38 6.95 7.21 3.84
N ALA B 39 7.18 8.46 3.40
CA ALA B 39 6.84 8.83 2.04
C ALA B 39 7.71 9.95 1.54
N ARG B 40 7.73 10.13 0.22
CA ARG B 40 8.38 11.29 -0.46
C ARG B 40 7.40 11.92 -1.48
N VAL B 41 7.38 13.24 -1.60
CA VAL B 41 6.58 13.83 -2.65
C VAL B 41 7.41 13.71 -3.94
N VAL B 42 6.93 12.97 -4.96
CA VAL B 42 7.70 12.77 -6.19
C VAL B 42 7.25 13.71 -7.33
N ALA B 43 6.01 14.20 -7.28
CA ALA B 43 5.57 15.15 -8.31
C ALA B 43 4.39 15.93 -7.76
N VAL B 44 4.17 17.13 -8.30
CA VAL B 44 2.97 17.89 -8.04
C VAL B 44 2.26 18.07 -9.37
N GLY B 45 0.96 17.76 -9.44
CA GLY B 45 0.13 18.09 -10.60
C GLY B 45 -0.82 19.25 -10.32
N VAL B 46 -0.95 20.15 -11.29
CA VAL B 46 -1.81 21.31 -11.15
C VAL B 46 -2.62 21.43 -12.43
N ASP B 47 -3.78 22.09 -12.36
CA ASP B 47 -4.60 22.27 -13.58
C ASP B 47 -4.55 23.76 -13.99
N ARG B 48 -3.64 24.53 -13.39
CA ARG B 48 -3.54 25.98 -13.64
C ARG B 48 -2.26 26.44 -13.02
N GLU B 49 -1.84 27.66 -13.33
CA GLU B 49 -0.74 28.32 -12.61
C GLU B 49 -1.20 28.74 -11.25
N CYS B 50 -0.39 28.50 -10.23
CA CYS B 50 -0.77 28.83 -8.85
C CYS B 50 0.46 28.74 -7.95
N ARG B 51 0.32 29.30 -6.75
CA ARG B 51 1.35 29.32 -5.71
C ARG B 51 1.80 27.89 -5.37
N ALA B 52 0.86 26.92 -5.31
CA ALA B 52 1.21 25.52 -5.10
C ALA B 52 2.26 25.02 -6.10
N ALA B 53 2.12 25.35 -7.38
CA ALA B 53 3.15 24.98 -8.39
C ALA B 53 4.49 25.65 -8.12
N GLU B 54 4.47 26.91 -7.66
CA GLU B 54 5.73 27.65 -7.39
C GLU B 54 6.43 27.06 -6.20
N ILE B 55 5.63 26.67 -5.22
CA ILE B 55 6.18 26.11 -3.98
C ILE B 55 6.79 24.76 -4.29
N ALA B 56 6.10 23.97 -5.14
CA ALA B 56 6.67 22.73 -5.66
C ALA B 56 8.02 22.92 -6.36
N ALA B 57 8.18 23.91 -7.26
CA ALA B 57 9.52 24.18 -7.87
C ALA B 57 10.56 24.64 -6.85
N GLU B 58 10.20 25.51 -5.91
CA GLU B 58 11.17 25.85 -4.87
C GLU B 58 11.80 24.64 -4.15
N ALA B 59 11.03 23.58 -3.87
CA ALA B 59 11.59 22.40 -3.24
C ALA B 59 12.12 21.40 -4.29
N SER B 60 12.28 21.88 -5.53
CA SER B 60 12.89 21.06 -6.59
C SER B 60 12.09 19.79 -6.93
N VAL B 61 10.77 19.81 -6.73
CA VAL B 61 9.90 18.70 -7.08
C VAL B 61 9.30 18.89 -8.49
N PRO B 62 9.41 17.87 -9.37
CA PRO B 62 8.77 18.02 -10.66
C PRO B 62 7.28 18.44 -10.59
N VAL B 63 6.91 19.38 -11.47
CA VAL B 63 5.52 19.79 -11.64
C VAL B 63 5.04 19.42 -13.02
N PHE B 64 3.90 18.74 -13.11
CA PHE B 64 3.18 18.63 -14.40
C PHE B 64 1.90 19.48 -14.38
N THR B 65 1.48 20.02 -15.54
CA THR B 65 0.30 20.90 -15.61
C THR B 65 -0.64 20.31 -16.63
N VAL B 66 -1.88 20.00 -16.24
CA VAL B 66 -2.91 19.58 -17.22
C VAL B 66 -4.13 20.53 -17.17
N ARG B 67 -4.16 21.55 -18.03
CA ARG B 67 -5.22 22.59 -17.92
C ARG B 67 -6.46 22.10 -18.65
N LEU B 68 -7.62 22.31 -18.06
CA LEU B 68 -8.90 21.92 -18.69
C LEU B 68 -9.08 22.51 -20.09
N ALA B 69 -8.66 23.77 -20.27
CA ALA B 69 -8.84 24.48 -21.54
C ALA B 69 -7.97 23.88 -22.62
N ASP B 70 -7.00 23.04 -22.27
CA ASP B 70 -6.08 22.56 -23.31
C ASP B 70 -6.58 21.24 -23.95
N HIS B 71 -7.76 20.77 -23.52
CA HIS B 71 -8.31 19.50 -24.01
C HIS B 71 -9.69 19.75 -24.62
N PRO B 72 -10.17 18.85 -25.52
CA PRO B 72 -11.45 19.08 -26.19
C PRO B 72 -12.69 18.75 -25.39
N SER B 73 -12.54 18.05 -24.28
CA SER B 73 -13.69 17.68 -23.47
C SER B 73 -13.21 17.43 -22.04
N ARG B 74 -14.16 17.48 -21.10
CA ARG B 74 -13.93 17.14 -19.69
C ARG B 74 -13.36 15.68 -19.62
N ASP B 75 -13.93 14.78 -20.40
CA ASP B 75 -13.47 13.38 -20.55
C ASP B 75 -11.99 13.21 -21.00
N ALA B 76 -11.64 13.96 -22.03
CA ALA B 76 -10.29 14.02 -22.54
C ALA B 76 -9.27 14.54 -21.49
N TRP B 77 -9.64 15.61 -20.78
CA TRP B 77 -8.86 16.14 -19.67
C TRP B 77 -8.61 15.03 -18.58
N ASP B 78 -9.66 14.27 -18.27
CA ASP B 78 -9.64 13.22 -17.25
C ASP B 78 -8.65 12.11 -17.59
N VAL B 79 -8.66 11.67 -18.86
CA VAL B 79 -7.72 10.70 -19.38
C VAL B 79 -6.28 11.25 -19.24
N ALA B 80 -6.11 12.50 -19.69
CA ALA B 80 -4.78 13.13 -19.74
C ALA B 80 -4.19 13.34 -18.34
N ILE B 81 -5.00 13.82 -17.38
CA ILE B 81 -4.46 13.99 -16.03
C ILE B 81 -4.14 12.65 -15.38
N THR B 82 -4.98 11.65 -15.60
CA THR B 82 -4.70 10.29 -15.12
C THR B 82 -3.37 9.72 -15.64
N ALA B 83 -3.12 9.91 -16.93
CA ALA B 83 -1.88 9.47 -17.55
C ALA B 83 -0.69 10.29 -17.06
N ALA B 84 -0.89 11.60 -16.90
CA ALA B 84 0.21 12.47 -16.43
C ALA B 84 0.60 12.06 -14.97
N THR B 85 -0.37 11.64 -14.19
CA THR B 85 -0.16 11.16 -12.83
C THR B 85 0.50 9.75 -12.80
N ALA B 86 -0.10 8.81 -13.52
CA ALA B 86 0.39 7.44 -13.61
C ALA B 86 1.86 7.42 -14.01
N ALA B 87 2.27 8.37 -14.86
CA ALA B 87 3.70 8.46 -15.29
C ALA B 87 4.66 8.58 -14.13
N HIS B 88 4.20 9.13 -13.01
CA HIS B 88 5.10 9.29 -11.87
C HIS B 88 5.03 8.08 -10.91
N GLU B 89 4.23 7.06 -11.29
CA GLU B 89 4.09 5.81 -10.54
C GLU B 89 3.82 6.03 -9.06
N PRO B 90 2.74 6.77 -8.76
CA PRO B 90 2.52 7.14 -7.36
C PRO B 90 2.01 5.95 -6.55
N ASP B 91 2.18 5.97 -5.21
CA ASP B 91 1.48 5.02 -4.34
C ASP B 91 0.26 5.68 -3.72
N LEU B 92 0.32 6.99 -3.61
CA LEU B 92 -0.80 7.75 -3.04
C LEU B 92 -0.96 9.07 -3.80
N VAL B 93 -2.21 9.46 -4.04
CA VAL B 93 -2.47 10.76 -4.68
C VAL B 93 -3.20 11.59 -3.65
N VAL B 94 -2.59 12.72 -3.25
CA VAL B 94 -3.15 13.67 -2.29
C VAL B 94 -3.69 14.88 -2.97
N SER B 95 -4.98 15.07 -2.79
CA SER B 95 -5.66 16.26 -3.28
C SER B 95 -5.50 17.40 -2.23
N ALA B 96 -4.78 18.44 -2.64
CA ALA B 96 -4.39 19.47 -1.65
C ALA B 96 -4.87 20.83 -2.16
N GLY B 97 -6.15 21.17 -1.94
CA GLY B 97 -6.79 22.33 -2.61
C GLY B 97 -6.86 22.19 -4.14
N PHE B 98 -7.19 20.98 -4.61
CA PHE B 98 -7.29 20.76 -6.04
C PHE B 98 -8.70 21.10 -6.43
N MET B 99 -8.88 21.90 -7.48
CA MET B 99 -10.25 22.51 -7.62
C MET B 99 -11.12 21.85 -8.71
N ARG B 100 -10.79 20.64 -9.10
CA ARG B 100 -11.66 20.02 -10.07
C ARG B 100 -12.04 18.66 -9.59
N ILE B 101 -13.29 18.28 -9.90
CA ILE B 101 -13.77 16.93 -9.67
C ILE B 101 -12.86 16.01 -10.45
N LEU B 102 -12.32 15.01 -9.76
CA LEU B 102 -11.52 13.95 -10.45
C LEU B 102 -12.49 12.92 -11.04
N GLY B 103 -12.29 12.63 -12.33
CA GLY B 103 -13.30 11.97 -13.15
C GLY B 103 -13.31 10.47 -13.03
N PRO B 104 -14.25 9.78 -13.69
CA PRO B 104 -14.23 8.28 -13.53
C PRO B 104 -12.95 7.59 -14.07
N GLN B 105 -12.24 8.19 -15.05
CA GLN B 105 -11.00 7.53 -15.55
C GLN B 105 -9.92 7.61 -14.52
N PHE B 106 -9.75 8.78 -13.91
CA PHE B 106 -8.81 8.95 -12.82
C PHE B 106 -9.16 7.98 -11.69
N LEU B 107 -10.44 7.95 -11.27
CA LEU B 107 -10.82 7.05 -10.16
C LEU B 107 -10.69 5.55 -10.49
N SER B 108 -10.85 5.20 -11.76
CA SER B 108 -10.73 3.81 -12.14
C SER B 108 -9.29 3.34 -11.98
N ARG B 109 -8.31 4.24 -12.14
CA ARG B 109 -6.92 3.92 -11.81
C ARG B 109 -6.61 4.07 -10.31
N PHE B 110 -7.13 5.12 -9.69
CA PHE B 110 -6.54 5.52 -8.43
C PHE B 110 -7.46 5.39 -7.20
N TYR B 111 -8.72 4.99 -7.39
CA TYR B 111 -9.63 4.92 -6.27
C TYR B 111 -9.00 4.02 -5.18
N GLY B 112 -9.09 4.46 -3.92
CA GLY B 112 -8.50 3.72 -2.77
C GLY B 112 -7.14 4.27 -2.38
N ARG B 113 -6.50 4.95 -3.33
CA ARG B 113 -5.15 5.50 -3.13
C ARG B 113 -5.19 7.01 -3.24
N THR B 114 -6.39 7.58 -3.40
CA THR B 114 -6.56 9.03 -3.49
C THR B 114 -7.28 9.56 -2.26
N LEU B 115 -6.77 10.66 -1.70
CA LEU B 115 -7.28 11.19 -0.45
C LEU B 115 -7.30 12.70 -0.50
N ASN B 116 -8.09 13.29 0.36
CA ASN B 116 -8.33 14.74 0.36
C ASN B 116 -8.51 15.13 1.81
N THR B 117 -8.22 16.36 2.14
CA THR B 117 -8.56 16.97 3.42
C THR B 117 -9.63 18.06 3.19
N HIS B 118 -10.69 18.02 4.00
CA HIS B 118 -11.84 18.88 3.83
C HIS B 118 -12.06 19.60 5.16
N PRO B 119 -12.27 20.93 5.12
CA PRO B 119 -12.33 21.69 6.39
C PRO B 119 -13.73 21.74 7.04
N ALA B 120 -14.34 20.56 7.26
CA ALA B 120 -15.54 20.43 8.06
C ALA B 120 -15.54 18.98 8.44
N LEU B 121 -16.46 18.61 9.35
CA LEU B 121 -16.53 17.25 9.84
C LEU B 121 -17.59 16.55 9.00
N LEU B 122 -17.17 15.92 7.90
CA LEU B 122 -18.11 15.19 7.05
C LEU B 122 -18.87 14.17 7.88
N PRO B 123 -20.20 13.96 7.57
CA PRO B 123 -20.95 14.52 6.37
C PRO B 123 -21.45 15.97 6.45
N ALA B 124 -21.13 16.71 7.52
CA ALA B 124 -21.60 18.09 7.63
C ALA B 124 -20.82 18.99 6.66
N PHE B 125 -21.52 19.92 6.02
CA PHE B 125 -20.90 20.98 5.20
C PHE B 125 -19.91 20.47 4.12
N PRO B 126 -20.37 19.55 3.23
CA PRO B 126 -19.51 19.12 2.12
C PRO B 126 -19.41 20.27 1.09
N GLY B 127 -18.57 20.09 0.07
CA GLY B 127 -18.50 21.07 -1.01
C GLY B 127 -17.33 22.04 -0.81
N THR B 128 -17.36 23.19 -1.47
CA THR B 128 -16.21 24.06 -1.58
C THR B 128 -16.28 25.23 -0.60
N HIS B 129 -17.44 25.41 0.03
CA HIS B 129 -17.63 26.44 1.04
C HIS B 129 -18.00 25.82 2.39
N GLY B 130 -17.34 24.74 2.77
CA GLY B 130 -17.65 24.11 4.03
C GLY B 130 -17.50 24.99 5.25
N VAL B 131 -16.57 25.95 5.21
CA VAL B 131 -16.28 26.86 6.31
C VAL B 131 -17.33 27.96 6.42
N ALA B 132 -17.68 28.58 5.26
CA ALA B 132 -18.71 29.66 5.24
C ALA B 132 -20.07 29.03 5.63
N ASP B 133 -20.32 27.83 5.11
CA ASP B 133 -21.52 27.10 5.46
C ASP B 133 -21.56 26.73 6.95
N ALA B 134 -20.45 26.24 7.50
CA ALA B 134 -20.45 25.91 8.93
C ALA B 134 -20.71 27.14 9.78
N LEU B 135 -20.01 28.23 9.50
CA LEU B 135 -20.28 29.56 10.12
C LEU B 135 -21.74 30.05 10.00
N ALA B 136 -22.30 30.06 8.78
CA ALA B 136 -23.68 30.55 8.59
C ALA B 136 -24.70 29.69 9.36
N TYR B 137 -24.42 28.37 9.49
CA TYR B 137 -25.32 27.45 10.22
C TYR B 137 -25.27 27.68 11.75
N GLY B 138 -24.20 28.33 12.22
CA GLY B 138 -24.01 28.55 13.64
C GLY B 138 -23.67 27.37 14.50
N VAL B 139 -22.94 26.38 13.94
CA VAL B 139 -22.45 25.29 14.78
C VAL B 139 -21.35 25.84 15.73
N LYS B 140 -21.12 25.17 16.88
CA LYS B 140 -20.06 25.53 17.85
C LYS B 140 -18.81 24.68 17.67
N VAL B 141 -18.98 23.56 16.98
CA VAL B 141 -17.87 22.62 16.73
C VAL B 141 -17.84 22.31 15.26
N THR B 142 -16.75 22.65 14.57
CA THR B 142 -16.56 22.15 13.24
C THR B 142 -15.30 21.26 13.27
N GLY B 143 -14.57 21.11 12.17
CA GLY B 143 -13.33 20.34 12.18
C GLY B 143 -12.75 20.10 10.80
N ALA B 144 -11.86 19.12 10.70
CA ALA B 144 -11.27 18.76 9.43
C ALA B 144 -11.42 17.26 9.27
N THR B 145 -11.52 16.82 8.02
CA THR B 145 -11.71 15.41 7.69
C THR B 145 -10.76 15.05 6.60
N VAL B 146 -9.94 14.02 6.84
CA VAL B 146 -9.19 13.37 5.76
C VAL B 146 -10.03 12.16 5.28
N HIS B 147 -10.33 12.13 3.99
CA HIS B 147 -11.15 11.05 3.44
C HIS B 147 -10.64 10.55 2.12
N LEU B 148 -10.98 9.32 1.77
CA LEU B 148 -10.63 8.84 0.43
C LEU B 148 -11.49 9.55 -0.57
N VAL B 149 -11.00 9.79 -1.79
CA VAL B 149 -11.80 10.51 -2.80
C VAL B 149 -12.62 9.49 -3.59
N ASP B 150 -13.93 9.74 -3.80
CA ASP B 150 -14.68 8.88 -4.71
CA ASP B 150 -14.82 8.86 -4.60
C ASP B 150 -15.52 9.64 -5.72
N ALA B 151 -16.35 8.91 -6.46
CA ALA B 151 -17.11 9.44 -7.56
C ALA B 151 -17.83 10.77 -7.25
N GLY B 152 -17.65 11.65 -8.22
CA GLY B 152 -18.04 13.05 -8.16
C GLY B 152 -18.09 13.65 -6.76
N THR B 153 -19.28 14.14 -6.46
CA THR B 153 -19.53 14.81 -5.20
C THR B 153 -19.47 13.91 -3.92
N ASP B 154 -19.60 12.58 -4.09
CA ASP B 154 -19.70 11.59 -2.96
C ASP B 154 -18.54 11.61 -2.02
N THR B 155 -18.78 11.33 -0.77
CA THR B 155 -17.65 11.39 0.16
C THR B 155 -17.23 9.94 0.39
N GLY B 156 -15.95 9.65 0.13
CA GLY B 156 -15.42 8.30 0.32
C GLY B 156 -15.15 8.03 1.78
N PRO B 157 -14.71 6.79 2.08
CA PRO B 157 -14.47 6.43 3.45
C PRO B 157 -13.60 7.47 4.20
N ILE B 158 -14.03 7.82 5.41
CA ILE B 158 -13.31 8.76 6.23
C ILE B 158 -12.12 8.04 6.83
N LEU B 159 -10.95 8.64 6.65
CA LEU B 159 -9.72 8.14 7.25
C LEU B 159 -9.42 8.70 8.63
N ALA B 160 -9.55 10.04 8.77
CA ALA B 160 -9.21 10.71 10.06
C ALA B 160 -10.03 11.96 10.21
N GLN B 161 -10.33 12.33 11.44
CA GLN B 161 -11.08 13.57 11.71
C GLN B 161 -10.60 14.15 13.02
N GLN B 162 -10.77 15.45 13.16
CA GLN B 162 -10.36 16.09 14.40
C GLN B 162 -11.20 17.35 14.56
N PRO B 163 -11.73 17.62 15.77
CA PRO B 163 -12.68 18.77 15.82
C PRO B 163 -11.93 20.11 16.03
N VAL B 164 -12.64 21.21 15.74
CA VAL B 164 -12.13 22.55 15.86
C VAL B 164 -13.29 23.48 16.33
N PRO B 165 -13.10 24.19 17.43
CA PRO B 165 -14.20 25.07 17.92
C PRO B 165 -14.48 26.26 17.02
N VAL B 166 -15.75 26.66 16.95
CA VAL B 166 -16.12 27.95 16.35
C VAL B 166 -16.25 28.93 17.53
N LEU B 167 -15.62 30.10 17.41
CA LEU B 167 -15.61 31.04 18.52
C LEU B 167 -16.54 32.18 18.18
N ASP B 168 -17.16 32.77 19.20
CA ASP B 168 -18.00 33.99 19.04
C ASP B 168 -17.24 35.10 18.28
N GLY B 169 -17.91 35.69 17.31
CA GLY B 169 -17.25 36.76 16.53
C GLY B 169 -16.31 36.31 15.41
N ASP B 170 -16.24 35.00 15.13
CA ASP B 170 -15.35 34.49 14.09
C ASP B 170 -15.95 35.04 12.82
N ASP B 171 -15.13 35.37 11.84
CA ASP B 171 -15.61 35.45 10.46
C ASP B 171 -14.98 34.25 9.68
N GLU B 172 -15.32 34.14 8.39
CA GLU B 172 -14.85 33.07 7.47
C GLU B 172 -13.35 32.84 7.61
N GLU B 173 -12.60 33.91 7.42
CA GLU B 173 -11.15 33.92 7.50
C GLU B 173 -10.52 33.40 8.80
N THR B 174 -10.92 33.93 9.96
CA THR B 174 -10.29 33.47 11.18
C THR B 174 -10.69 32.02 11.45
N LEU B 175 -11.93 31.65 11.11
CA LEU B 175 -12.34 30.30 11.37
C LEU B 175 -11.55 29.36 10.41
N HIS B 176 -11.51 29.70 9.11
CA HIS B 176 -10.71 28.95 8.13
C HIS B 176 -9.24 28.79 8.54
N GLU B 177 -8.60 29.86 8.98
CA GLU B 177 -7.22 29.75 9.49
C GLU B 177 -7.08 28.74 10.68
N ARG B 178 -7.95 28.85 11.67
CA ARG B 178 -7.97 27.85 12.76
C ARG B 178 -8.09 26.38 12.22
N ILE B 179 -8.96 26.16 11.25
CA ILE B 179 -9.13 24.81 10.72
C ILE B 179 -7.88 24.33 9.89
N LYS B 180 -7.25 25.21 9.11
CA LYS B 180 -6.02 24.83 8.36
C LYS B 180 -4.92 24.33 9.30
N VAL B 181 -4.80 24.93 10.46
CA VAL B 181 -3.81 24.49 11.42
C VAL B 181 -4.02 23.01 11.72
N THR B 182 -5.26 22.61 11.98
CA THR B 182 -5.64 21.20 12.19
C THR B 182 -5.58 20.39 10.91
N GLU B 183 -5.91 20.98 9.77
CA GLU B 183 -5.85 20.25 8.50
C GLU B 183 -4.42 19.80 8.24
N ARG B 184 -3.47 20.71 8.43
CA ARG B 184 -2.06 20.40 8.14
C ARG B 184 -1.55 19.21 8.96
N ARG B 185 -1.80 19.23 10.26
CA ARG B 185 -1.41 18.11 11.10
C ARG B 185 -2.09 16.79 10.77
N LEU B 186 -3.40 16.85 10.57
CA LEU B 186 -4.19 15.71 10.28
C LEU B 186 -3.77 15.09 8.94
N LEU B 187 -3.53 15.90 7.92
CA LEU B 187 -3.13 15.36 6.63
C LEU B 187 -1.78 14.65 6.75
N VAL B 188 -0.80 15.29 7.37
CA VAL B 188 0.53 14.77 7.46
C VAL B 188 0.45 13.46 8.26
N ALA B 189 -0.40 13.42 9.30
CA ALA B 189 -0.50 12.17 10.08
C ALA B 189 -1.19 11.06 9.26
N ALA B 190 -2.22 11.41 8.52
CA ALA B 190 -2.98 10.41 7.75
C ALA B 190 -2.22 9.78 6.57
N VAL B 191 -1.48 10.61 5.82
CA VAL B 191 -0.59 10.13 4.75
C VAL B 191 0.39 9.15 5.31
N ALA B 192 1.02 9.49 6.47
CA ALA B 192 2.01 8.59 7.09
C ALA B 192 1.35 7.26 7.49
N ALA B 193 0.18 7.32 8.10
CA ALA B 193 -0.53 6.08 8.48
C ALA B 193 -0.97 5.25 7.29
N LEU B 194 -1.46 5.92 6.25
CA LEU B 194 -1.89 5.23 5.09
C LEU B 194 -0.68 4.56 4.43
N ALA B 195 0.44 5.27 4.43
CA ALA B 195 1.65 4.74 3.80
C ALA B 195 2.11 3.52 4.59
N THR B 196 2.10 3.61 5.93
CA THR B 196 2.68 2.56 6.76
C THR B 196 1.86 1.29 6.81
N HIS B 197 0.53 1.46 6.90
CA HIS B 197 -0.41 0.39 7.23
C HIS B 197 -1.36 0.03 6.07
N GLY B 198 -1.47 0.88 5.04
CA GLY B 198 -2.49 0.67 4.00
C GLY B 198 -3.86 0.98 4.63
N VAL B 199 -4.94 0.49 4.02
CA VAL B 199 -6.28 0.72 4.55
C VAL B 199 -7.14 -0.46 4.18
N THR B 200 -8.03 -0.85 5.10
CA THR B 200 -9.16 -1.74 4.84
C THR B 200 -10.51 -1.04 5.04
N VAL B 201 -11.40 -1.21 4.06
CA VAL B 201 -12.75 -0.68 4.19
C VAL B 201 -13.86 -1.73 4.30
N VAL B 202 -14.54 -1.75 5.45
CA VAL B 202 -15.76 -2.54 5.68
C VAL B 202 -16.99 -1.60 5.70
N GLY B 203 -17.97 -1.82 4.83
CA GLY B 203 -19.06 -0.87 4.60
C GLY B 203 -18.56 0.48 4.04
N ARG B 204 -18.70 1.51 4.84
CA ARG B 204 -18.18 2.86 4.62
C ARG B 204 -16.98 3.14 5.55
N THR B 205 -16.67 2.23 6.46
CA THR B 205 -15.70 2.45 7.54
C THR B 205 -14.29 2.01 7.13
N ALA B 206 -13.34 2.96 7.23
CA ALA B 206 -11.95 2.68 6.91
C ALA B 206 -11.09 2.55 8.15
N THR B 207 -10.25 1.52 8.15
CA THR B 207 -9.28 1.28 9.21
C THR B 207 -7.89 1.15 8.61
N MET B 208 -6.93 1.82 9.24
CA MET B 208 -5.51 1.79 8.90
C MET B 208 -4.62 1.13 10.00
#